data_3UTC
#
_entry.id   3UTC
#
_cell.length_a   70.120
_cell.length_b   80.790
_cell.length_c   112.560
_cell.angle_alpha   90.00
_cell.angle_beta   90.00
_cell.angle_gamma   90.00
#
_symmetry.space_group_name_H-M   'P 21 21 21'
#
loop_
_entity.id
_entity.type
_entity.pdbx_description
1 polymer '4-hydroxy-3-methylbut-2-enyl diphosphate reductase'
2 non-polymer 'IRON/SULFUR CLUSTER'
3 non-polymer '(3E)-4-hydroxybut-3-en-1-yl trihydrogen diphosphate'
4 water water
#
_entity_poly.entity_id   1
_entity_poly.type   'polypeptide(L)'
_entity_poly.pdbx_seq_one_letter_code
;HHHHHHGSMQILLANPRGFCAGVDRAISIVENALAIYGAPIYVRHEVVHNRYVVDSLRERGAIFIEQISEVPDGAILIFS
AHGVSQAVRNEAKSRDLTVFDATCPLVTKVHMEVARASRRGEESILIGHAGHPEVEGTMGQYSNPEGGMYLVESPDDVWK
LTVKNEEKLSFMTQTTLSVDDTSDVIDALRKRFPKIVGPRKDDICYATTNRQEAVRALAEQAEVVLVVGSKNSSNSNRLA
ELAQRMGKRAFLIDDAKDIQEEWVKEVKCVGVTAGASAPDILVQNVVARLQQLGGGEAIPLEGREENIVFEVPKELRVDI
REVD
;
_entity_poly.pdbx_strand_id   A,B
#
# COMPACT_ATOMS: atom_id res chain seq x y z
N MET A 9 29.14 -23.24 15.17
CA MET A 9 27.75 -22.64 15.26
C MET A 9 27.35 -21.84 14.02
N GLN A 10 26.29 -22.26 13.36
CA GLN A 10 25.84 -21.55 12.18
C GLN A 10 24.85 -20.44 12.64
N ILE A 11 25.07 -19.19 12.18
CA ILE A 11 24.17 -18.04 12.44
C ILE A 11 23.32 -17.75 11.21
N LEU A 12 21.98 -17.82 11.34
CA LEU A 12 21.13 -17.54 10.19
C LEU A 12 20.42 -16.20 10.47
N LEU A 13 20.14 -15.42 9.41
CA LEU A 13 19.41 -14.16 9.52
C LEU A 13 18.11 -14.19 8.74
N ALA A 14 17.02 -13.84 9.43
CA ALA A 14 15.68 -13.90 8.82
C ALA A 14 15.61 -12.79 7.79
N ASN A 15 14.78 -13.05 6.82
CA ASN A 15 14.51 -12.08 5.78
C ASN A 15 13.10 -12.11 5.17
N PRO A 16 12.36 -10.97 5.22
CA PRO A 16 12.74 -9.68 5.78
C PRO A 16 12.78 -9.62 7.30
N ARG A 17 13.44 -8.58 7.81
CA ARG A 17 13.55 -8.31 9.25
C ARG A 17 13.73 -6.81 9.38
N GLY A 18 13.53 -6.32 10.60
CA GLY A 18 13.89 -4.92 10.87
C GLY A 18 12.92 -3.91 10.24
N PHE A 19 13.38 -2.66 10.08
CA PHE A 19 12.51 -1.51 9.72
C PHE A 19 11.54 -1.77 8.63
N CYS A 20 10.30 -1.40 8.90
CA CYS A 20 9.26 -1.39 7.90
C CYS A 20 9.17 0.05 7.34
N ALA A 21 8.29 0.24 6.37
CA ALA A 21 8.21 1.55 5.71
C ALA A 21 7.58 2.62 6.64
N GLY A 22 6.67 2.23 7.51
CA GLY A 22 6.07 3.20 8.44
C GLY A 22 7.06 3.70 9.47
N VAL A 23 7.90 2.78 9.99
CA VAL A 23 8.93 3.16 10.99
C VAL A 23 9.97 4.07 10.39
N ASP A 24 10.45 3.70 9.20
CA ASP A 24 11.45 4.52 8.54
C ASP A 24 10.93 5.95 8.34
N ARG A 25 9.67 6.08 7.91
CA ARG A 25 9.06 7.40 7.71
C ARG A 25 8.89 8.16 9.05
N ALA A 26 8.48 7.45 10.10
CA ALA A 26 8.21 8.11 11.40
C ALA A 26 9.53 8.63 11.97
N ILE A 27 10.62 7.87 11.82
CA ILE A 27 11.93 8.30 12.33
C ILE A 27 12.42 9.48 11.55
N SER A 28 12.30 9.40 10.22
CA SER A 28 12.62 10.54 9.39
C SER A 28 11.88 11.80 9.70
N ILE A 29 10.58 11.65 10.00
CA ILE A 29 9.75 12.81 10.32
C ILE A 29 10.35 13.57 11.50
N VAL A 30 10.67 12.86 12.59
CA VAL A 30 11.27 13.50 13.75
C VAL A 30 12.65 14.12 13.42
N GLU A 31 13.54 13.36 12.80
CA GLU A 31 14.89 13.85 12.45
C GLU A 31 14.83 15.13 11.61
N ASN A 32 13.98 15.15 10.59
CA ASN A 32 13.87 16.31 9.69
C ASN A 32 13.23 17.48 10.36
N ALA A 33 12.26 17.23 11.21
CA ALA A 33 11.69 18.31 12.03
C ALA A 33 12.78 18.95 12.91
N LEU A 34 13.56 18.12 13.61
CA LEU A 34 14.72 18.58 14.42
C LEU A 34 15.72 19.36 13.57
N ALA A 35 15.95 18.93 12.33
CA ALA A 35 16.86 19.62 11.40
C ALA A 35 16.28 20.90 10.82
N ILE A 36 14.97 20.95 10.62
CA ILE A 36 14.31 22.13 10.08
C ILE A 36 14.16 23.20 11.18
N TYR A 37 13.72 22.80 12.37
CA TYR A 37 13.35 23.71 13.48
C TYR A 37 14.25 23.75 14.72
N GLY A 38 15.21 22.84 14.86
CA GLY A 38 16.04 22.77 16.07
C GLY A 38 15.36 22.06 17.22
N ALA A 39 16.13 21.69 18.24
CA ALA A 39 15.64 21.22 19.53
C ALA A 39 14.90 22.35 20.27
N PRO A 40 13.93 22.00 21.10
CA PRO A 40 13.30 20.70 21.27
C PRO A 40 12.12 20.48 20.29
N ILE A 41 11.87 19.21 19.98
CA ILE A 41 10.69 18.82 19.24
C ILE A 41 10.00 17.87 20.21
N TYR A 42 8.74 18.10 20.47
CA TYR A 42 8.07 17.19 21.37
C TYR A 42 7.44 16.06 20.59
N VAL A 43 7.47 14.87 21.20
CA VAL A 43 6.84 13.68 20.62
C VAL A 43 5.94 12.98 21.67
N ARG A 44 4.70 12.79 21.29
CA ARG A 44 3.74 12.11 22.17
C ARG A 44 3.91 10.57 22.08
N HIS A 45 4.41 9.98 23.15
CA HIS A 45 4.73 8.57 23.24
C HIS A 45 5.96 8.30 22.42
N GLU A 46 6.71 7.25 22.76
CA GLU A 46 7.83 6.82 21.97
C GLU A 46 7.41 6.80 20.50
N VAL A 47 8.19 7.44 19.61
CA VAL A 47 7.76 7.54 18.22
C VAL A 47 7.53 6.12 17.60
N VAL A 48 8.42 5.18 17.94
CA VAL A 48 8.28 3.75 17.71
C VAL A 48 8.76 3.08 18.97
N HIS A 49 8.37 1.80 19.24
CA HIS A 49 8.72 1.10 20.49
C HIS A 49 10.11 0.47 20.42
N ASN A 50 11.15 1.31 20.37
CA ASN A 50 12.52 0.84 20.38
C ASN A 50 13.39 1.77 21.20
N ARG A 51 13.96 1.23 22.28
CA ARG A 51 14.70 1.99 23.23
C ARG A 51 15.91 2.68 22.57
N TYR A 52 16.60 1.98 21.66
CA TYR A 52 17.73 2.57 20.99
C TYR A 52 17.37 3.75 20.07
N VAL A 53 16.31 3.56 19.28
CA VAL A 53 15.78 4.61 18.41
C VAL A 53 15.35 5.82 19.29
N VAL A 54 14.58 5.54 20.34
CA VAL A 54 14.12 6.57 21.27
C VAL A 54 15.29 7.28 21.99
N ASP A 55 16.16 6.49 22.65
CA ASP A 55 17.31 7.08 23.33
C ASP A 55 18.11 7.90 22.35
N SER A 56 18.26 7.41 21.13
CA SER A 56 18.95 8.11 20.06
C SER A 56 18.39 9.54 19.93
N LEU A 57 17.23 9.67 19.29
CA LEU A 57 16.46 10.93 19.19
C LEU A 57 16.39 11.82 20.43
N ARG A 58 16.29 11.23 21.64
CA ARG A 58 16.12 11.98 22.93
C ARG A 58 17.39 12.66 23.32
N GLU A 59 18.48 12.01 22.93
CA GLU A 59 19.78 12.49 23.33
C GLU A 59 20.13 13.54 22.29
N ARG A 60 19.35 13.57 21.21
CA ARG A 60 19.47 14.62 20.20
C ARG A 60 18.34 15.67 20.36
N GLY A 61 17.69 15.62 21.51
CA GLY A 61 16.77 16.72 21.87
C GLY A 61 15.35 16.68 21.25
N ALA A 62 14.86 15.51 20.80
CA ALA A 62 13.43 15.25 20.80
C ALA A 62 13.08 15.08 22.27
N ILE A 63 11.88 15.50 22.68
CA ILE A 63 11.44 15.20 24.02
C ILE A 63 10.17 14.35 23.97
N PHE A 64 10.21 13.15 24.51
CA PHE A 64 9.02 12.28 24.53
C PHE A 64 8.15 12.48 25.77
N ILE A 65 6.84 12.65 25.55
CA ILE A 65 5.86 12.90 26.64
C ILE A 65 4.67 11.95 26.51
N GLU A 66 3.86 11.80 27.57
CA GLU A 66 2.68 10.93 27.40
C GLU A 66 1.36 11.68 27.17
N GLN A 67 1.36 12.97 27.51
CA GLN A 67 0.16 13.80 27.47
C GLN A 67 0.48 15.18 26.94
N ILE A 68 -0.43 15.70 26.11
CA ILE A 68 -0.39 17.03 25.51
C ILE A 68 -0.26 18.14 26.58
N SER A 69 -0.86 17.92 27.76
CA SER A 69 -0.67 18.86 28.90
C SER A 69 0.80 19.12 29.28
N GLU A 70 1.69 18.15 29.02
CA GLU A 70 3.14 18.30 29.29
C GLU A 70 3.88 19.13 28.22
N VAL A 71 3.20 19.45 27.13
CA VAL A 71 3.84 20.20 26.03
C VAL A 71 3.53 21.69 26.20
N PRO A 72 4.55 22.54 26.08
CA PRO A 72 4.41 24.00 26.18
C PRO A 72 3.65 24.64 25.01
N ASP A 73 2.94 25.76 25.26
CA ASP A 73 2.38 26.66 24.21
C ASP A 73 3.45 27.04 23.13
N GLY A 74 3.08 27.15 21.83
CA GLY A 74 4.08 27.48 20.77
C GLY A 74 4.99 26.34 20.25
N ALA A 75 4.96 25.17 20.89
CA ALA A 75 5.90 24.08 20.56
C ALA A 75 5.47 23.29 19.32
N ILE A 76 6.36 22.42 18.81
CA ILE A 76 6.06 21.51 17.70
C ILE A 76 5.86 20.16 18.34
N LEU A 77 4.80 19.46 17.96
CA LEU A 77 4.44 18.19 18.56
C LEU A 77 4.32 17.22 17.39
N ILE A 78 4.92 16.04 17.52
CA ILE A 78 4.74 14.95 16.53
C ILE A 78 3.93 13.80 17.20
N PHE A 79 2.94 13.26 16.48
CA PHE A 79 2.19 12.07 16.95
C PHE A 79 2.98 10.84 16.55
N SER A 80 3.01 9.78 17.37
CA SER A 80 3.86 8.59 17.06
C SER A 80 3.37 7.78 15.86
N ALA A 81 4.18 6.83 15.38
CA ALA A 81 3.73 5.97 14.25
C ALA A 81 2.45 5.16 14.56
N HIS A 82 2.15 4.92 15.85
CA HIS A 82 0.96 4.14 16.22
C HIS A 82 -0.35 4.86 16.04
N GLY A 83 -0.35 6.19 15.92
CA GLY A 83 -1.55 6.97 15.58
C GLY A 83 -2.22 7.42 16.90
N VAL A 84 -3.23 8.29 16.81
CA VAL A 84 -3.86 8.88 18.02
C VAL A 84 -5.33 9.03 17.84
N SER A 85 -6.05 9.16 18.94
CA SER A 85 -7.52 9.31 18.85
C SER A 85 -7.88 10.68 18.28
N GLN A 86 -9.13 10.79 17.84
CA GLN A 86 -9.75 12.08 17.51
C GLN A 86 -9.62 13.08 18.67
N ALA A 87 -9.82 12.59 19.90
CA ALA A 87 -9.74 13.46 21.07
C ALA A 87 -8.35 14.04 21.24
N VAL A 88 -7.29 13.23 21.12
CA VAL A 88 -5.93 13.77 21.19
C VAL A 88 -5.72 14.78 20.01
N ARG A 89 -6.15 14.43 18.81
CA ARG A 89 -5.93 15.33 17.69
C ARG A 89 -6.66 16.66 17.96
N ASN A 90 -7.86 16.58 18.50
CA ASN A 90 -8.60 17.82 18.89
C ASN A 90 -7.97 18.66 20.01
N GLU A 91 -7.48 17.98 21.04
CA GLU A 91 -6.78 18.62 22.15
C GLU A 91 -5.53 19.37 21.68
N ALA A 92 -4.84 18.86 20.66
CA ALA A 92 -3.69 19.57 20.09
C ALA A 92 -4.17 20.72 19.22
N LYS A 93 -5.25 20.50 18.48
CA LYS A 93 -5.81 21.56 17.62
C LYS A 93 -6.31 22.73 18.48
N SER A 94 -6.93 22.40 19.61
CA SER A 94 -7.46 23.42 20.51
C SER A 94 -6.34 24.10 21.32
N ARG A 95 -5.10 23.64 21.14
CA ARG A 95 -3.93 24.32 21.76
C ARG A 95 -3.13 25.07 20.71
N ASP A 96 -2.04 25.65 21.20
CA ASP A 96 -1.20 26.54 20.43
C ASP A 96 -0.11 25.78 19.66
N LEU A 97 -0.33 24.51 19.35
CA LEU A 97 0.76 23.61 18.88
C LEU A 97 0.83 23.44 17.36
N THR A 98 2.04 23.41 16.80
CA THR A 98 2.27 22.97 15.40
C THR A 98 2.43 21.46 15.45
N VAL A 99 1.64 20.74 14.67
CA VAL A 99 1.59 19.30 14.78
C VAL A 99 2.04 18.72 13.46
N PHE A 100 2.89 17.69 13.49
CA PHE A 100 3.15 16.84 12.31
C PHE A 100 2.73 15.44 12.72
N ASP A 101 2.15 14.69 11.80
CA ASP A 101 1.60 13.41 12.19
C ASP A 101 2.49 12.32 11.61
N ALA A 102 3.16 11.52 12.44
CA ALA A 102 3.97 10.42 11.94
C ALA A 102 3.20 9.10 11.89
N THR A 103 1.88 9.09 12.13
CA THR A 103 1.10 7.85 12.11
C THR A 103 1.38 7.14 10.80
N CYS A 104 1.55 5.82 10.82
CA CYS A 104 1.85 5.13 9.53
C CYS A 104 0.61 5.22 8.63
N PRO A 105 0.79 5.43 7.33
CA PRO A 105 -0.35 5.40 6.34
C PRO A 105 -1.25 4.15 6.52
N LEU A 106 -0.66 3.01 6.86
CA LEU A 106 -1.40 1.73 7.02
C LEU A 106 -2.28 1.73 8.26
N VAL A 107 -1.90 2.50 9.29
CA VAL A 107 -2.74 2.72 10.43
C VAL A 107 -3.81 3.75 10.11
N THR A 108 -3.40 4.86 9.48
CA THR A 108 -4.41 5.80 9.00
C THR A 108 -5.53 5.11 8.18
N LYS A 109 -5.20 4.13 7.31
CA LYS A 109 -6.25 3.44 6.52
C LYS A 109 -7.34 2.77 7.43
N VAL A 110 -6.91 2.15 8.53
CA VAL A 110 -7.82 1.52 9.43
C VAL A 110 -8.61 2.62 10.15
N HIS A 111 -7.92 3.72 10.51
CA HIS A 111 -8.65 4.89 11.15
C HIS A 111 -9.84 5.35 10.27
N MET A 112 -9.59 5.52 8.99
CA MET A 112 -10.60 5.99 8.05
C MET A 112 -11.76 5.01 8.01
N GLU A 113 -11.50 3.71 8.13
CA GLU A 113 -12.65 2.79 8.11
C GLU A 113 -13.52 2.87 9.36
N VAL A 114 -12.90 3.01 10.52
CA VAL A 114 -13.66 3.21 11.74
C VAL A 114 -14.51 4.49 11.71
N ALA A 115 -13.88 5.60 11.34
CA ALA A 115 -14.57 6.88 11.18
C ALA A 115 -15.80 6.76 10.24
N ARG A 116 -15.63 6.07 9.10
CA ARG A 116 -16.76 5.80 8.20
C ARG A 116 -17.89 5.06 8.93
N ALA A 117 -17.54 4.00 9.67
CA ALA A 117 -18.54 3.20 10.33
C ALA A 117 -19.27 4.06 11.37
N SER A 118 -18.49 4.87 12.07
CA SER A 118 -19.00 5.82 13.04
C SER A 118 -20.04 6.75 12.41
N ARG A 119 -19.65 7.52 11.40
CA ARG A 119 -20.64 8.38 10.70
C ARG A 119 -21.96 7.68 10.36
N ARG A 120 -21.87 6.44 9.88
CA ARG A 120 -23.06 5.66 9.50
C ARG A 120 -23.85 5.09 10.69
N GLY A 121 -23.37 5.31 11.91
CA GLY A 121 -23.96 4.73 13.14
C GLY A 121 -23.88 3.21 13.23
N GLU A 122 -23.07 2.58 12.40
CA GLU A 122 -22.93 1.13 12.38
C GLU A 122 -21.89 0.67 13.37
N GLU A 123 -22.20 -0.38 14.13
CA GLU A 123 -21.29 -0.87 15.16
C GLU A 123 -20.05 -1.54 14.55
N SER A 124 -18.91 -1.46 15.26
CA SER A 124 -17.63 -1.90 14.74
C SER A 124 -16.95 -2.70 15.86
N ILE A 125 -16.29 -3.79 15.47
CA ILE A 125 -15.49 -4.58 16.39
C ILE A 125 -14.01 -4.48 15.95
N LEU A 126 -13.13 -4.07 16.87
CA LEU A 126 -11.70 -4.08 16.60
C LEU A 126 -11.09 -5.33 17.24
N ILE A 127 -10.26 -6.08 16.48
CA ILE A 127 -9.40 -7.13 17.06
C ILE A 127 -8.08 -6.50 17.43
N GLY A 128 -7.67 -6.60 18.68
CA GLY A 128 -6.42 -5.91 19.05
C GLY A 128 -6.18 -6.16 20.50
N HIS A 129 -5.07 -5.61 21.01
CA HIS A 129 -4.63 -5.82 22.41
C HIS A 129 -4.95 -4.59 23.21
N ALA A 130 -5.75 -4.78 24.25
CA ALA A 130 -6.19 -3.70 25.12
C ALA A 130 -5.00 -2.89 25.68
N GLY A 131 -5.08 -1.57 25.68
CA GLY A 131 -4.05 -0.75 26.24
C GLY A 131 -2.95 -0.34 25.30
N HIS A 132 -2.81 -0.99 24.16
CA HIS A 132 -1.81 -0.62 23.19
C HIS A 132 -2.17 0.72 22.59
N PRO A 133 -1.17 1.64 22.38
CA PRO A 133 -1.59 2.92 21.79
C PRO A 133 -2.21 2.87 20.41
N GLU A 134 -1.84 1.92 19.53
CA GLU A 134 -2.55 1.82 18.28
C GLU A 134 -4.05 1.55 18.50
N VAL A 135 -4.37 0.66 19.45
CA VAL A 135 -5.76 0.31 19.75
C VAL A 135 -6.52 1.55 20.29
N GLU A 136 -5.89 2.26 21.21
CA GLU A 136 -6.44 3.54 21.74
C GLU A 136 -6.71 4.54 20.63
N GLY A 137 -5.78 4.71 19.71
CA GLY A 137 -5.97 5.63 18.55
C GLY A 137 -7.11 5.20 17.65
N THR A 138 -7.16 3.90 17.36
CA THR A 138 -8.13 3.36 16.45
C THR A 138 -9.54 3.37 17.06
N MET A 139 -9.66 2.91 18.32
CA MET A 139 -10.96 2.89 19.00
C MET A 139 -11.42 4.34 19.07
N GLY A 140 -10.47 5.26 19.32
CA GLY A 140 -10.75 6.69 19.44
C GLY A 140 -11.11 7.39 18.12
N GLN A 141 -11.26 6.64 17.03
CA GLN A 141 -11.87 7.26 15.84
C GLN A 141 -13.38 7.11 15.87
N TYR A 142 -13.91 6.43 16.88
CA TYR A 142 -15.34 6.12 16.86
C TYR A 142 -16.05 7.04 17.84
N SER A 143 -17.07 7.73 17.39
CA SER A 143 -17.70 8.71 18.32
C SER A 143 -19.23 8.69 18.39
N ASN A 144 -19.86 7.96 17.49
CA ASN A 144 -21.31 7.94 17.38
C ASN A 144 -21.94 7.09 18.47
N PRO A 145 -22.66 7.70 19.44
CA PRO A 145 -23.35 6.91 20.50
C PRO A 145 -24.56 6.06 20.01
N GLU A 146 -25.04 6.33 18.80
CA GLU A 146 -26.05 5.50 18.14
C GLU A 146 -25.56 4.08 17.94
N GLY A 147 -24.25 3.96 17.65
CA GLY A 147 -23.62 2.68 17.34
C GLY A 147 -22.82 2.20 18.55
N GLY A 148 -21.62 1.72 18.31
CA GLY A 148 -20.77 1.24 19.38
C GLY A 148 -19.47 0.72 18.77
N MET A 149 -18.42 0.72 19.57
CA MET A 149 -17.07 0.31 19.16
C MET A 149 -16.62 -0.67 20.21
N TYR A 150 -16.29 -1.90 19.82
CA TYR A 150 -16.00 -2.94 20.83
C TYR A 150 -14.64 -3.52 20.57
N LEU A 151 -13.90 -3.95 21.59
CA LEU A 151 -12.57 -4.50 21.39
C LEU A 151 -12.64 -5.98 21.73
N VAL A 152 -12.13 -6.89 20.86
CA VAL A 152 -11.98 -8.32 21.21
C VAL A 152 -10.51 -8.71 21.00
N GLU A 153 -9.98 -9.57 21.90
CA GLU A 153 -8.63 -10.10 21.84
C GLU A 153 -8.56 -11.58 21.48
N SER A 154 -9.66 -12.31 21.60
CA SER A 154 -9.57 -13.77 21.47
C SER A 154 -10.94 -14.33 21.06
N PRO A 155 -10.98 -15.63 20.64
CA PRO A 155 -12.31 -16.17 20.38
C PRO A 155 -13.21 -16.10 21.58
N ASP A 156 -12.67 -16.27 22.78
CA ASP A 156 -13.55 -16.21 23.97
C ASP A 156 -14.21 -14.85 24.10
N ASP A 157 -13.48 -13.78 23.80
CA ASP A 157 -14.06 -12.43 23.90
C ASP A 157 -15.21 -12.30 22.94
N VAL A 158 -15.05 -12.88 21.74
CA VAL A 158 -16.13 -12.88 20.75
C VAL A 158 -17.38 -13.60 21.29
N TRP A 159 -17.13 -14.76 21.92
CA TRP A 159 -18.22 -15.65 22.41
C TRP A 159 -19.04 -14.98 23.47
N LYS A 160 -18.43 -13.98 24.12
CA LYS A 160 -19.20 -13.26 25.15
C LYS A 160 -19.69 -11.86 24.77
N LEU A 161 -19.40 -11.43 23.54
CA LEU A 161 -19.82 -10.09 23.10
C LEU A 161 -21.29 -10.08 22.67
N THR A 162 -22.00 -9.01 23.02
CA THR A 162 -23.34 -8.82 22.49
C THR A 162 -23.37 -7.41 21.86
N VAL A 163 -24.07 -7.23 20.76
CA VAL A 163 -24.09 -5.93 20.08
C VAL A 163 -25.54 -5.53 19.86
N LYS A 164 -25.78 -4.26 19.57
CA LYS A 164 -27.16 -3.72 19.45
C LYS A 164 -27.84 -4.10 18.15
N ASN A 165 -27.08 -4.19 17.07
CA ASN A 165 -27.66 -4.60 15.79
C ASN A 165 -26.69 -5.45 15.01
N GLU A 166 -26.83 -6.76 15.07
CA GLU A 166 -25.85 -7.58 14.38
C GLU A 166 -25.99 -7.66 12.85
N GLU A 167 -27.01 -6.97 12.32
CA GLU A 167 -27.28 -6.95 10.84
C GLU A 167 -26.41 -5.91 10.17
N LYS A 168 -26.03 -4.88 10.95
CA LYS A 168 -25.16 -3.75 10.56
C LYS A 168 -23.86 -3.74 11.39
N LEU A 169 -22.87 -4.52 11.00
CA LEU A 169 -21.71 -4.72 11.87
C LEU A 169 -20.48 -4.89 10.98
N SER A 170 -19.36 -4.30 11.40
CA SER A 170 -18.12 -4.50 10.70
C SER A 170 -16.99 -4.75 11.69
N PHE A 171 -15.87 -5.23 11.17
CA PHE A 171 -14.69 -5.45 12.04
C PHE A 171 -13.46 -4.88 11.38
N MET A 172 -12.45 -4.58 12.20
CA MET A 172 -11.14 -4.00 11.77
C MET A 172 -10.11 -4.67 12.65
N THR A 173 -8.84 -4.59 12.28
CA THR A 173 -7.82 -5.19 13.13
C THR A 173 -6.66 -4.24 13.38
N GLN A 174 -5.97 -4.42 14.53
CA GLN A 174 -4.64 -3.84 14.76
C GLN A 174 -3.68 -4.38 13.61
N THR A 175 -2.69 -3.61 13.26
CA THR A 175 -1.81 -3.93 12.06
C THR A 175 -0.67 -4.93 12.39
N THR A 176 -0.43 -5.20 13.68
CA THR A 176 0.78 -5.94 14.15
C THR A 176 0.50 -7.26 14.85
N LEU A 177 -0.70 -7.79 14.63
CA LEU A 177 -1.12 -9.01 15.34
C LEU A 177 -0.48 -10.26 14.73
N SER A 178 -0.49 -11.35 15.50
CA SER A 178 -0.32 -12.74 14.93
C SER A 178 -1.33 -13.02 13.83
N VAL A 179 -0.81 -13.33 12.64
CA VAL A 179 -1.63 -13.70 11.50
C VAL A 179 -2.51 -14.90 11.93
N ASP A 180 -1.91 -15.88 12.60
CA ASP A 180 -2.58 -17.15 12.91
C ASP A 180 -3.67 -16.92 13.96
N ASP A 181 -3.31 -16.29 15.05
CA ASP A 181 -4.36 -15.99 16.05
C ASP A 181 -5.52 -15.14 15.53
N THR A 182 -5.25 -14.15 14.69
CA THR A 182 -6.28 -13.24 14.26
C THR A 182 -7.26 -14.04 13.39
N SER A 183 -6.71 -14.96 12.61
CA SER A 183 -7.50 -15.83 11.76
C SER A 183 -8.55 -16.64 12.61
N ASP A 184 -8.12 -17.15 13.77
CA ASP A 184 -9.02 -17.82 14.72
C ASP A 184 -10.12 -16.87 15.20
N VAL A 185 -9.77 -15.60 15.47
CA VAL A 185 -10.74 -14.62 15.99
C VAL A 185 -11.77 -14.26 14.88
N ILE A 186 -11.28 -14.03 13.67
CA ILE A 186 -12.18 -13.78 12.56
C ILE A 186 -13.14 -14.96 12.31
N ASP A 187 -12.63 -16.20 12.39
CA ASP A 187 -13.51 -17.41 12.18
C ASP A 187 -14.61 -17.40 13.23
N ALA A 188 -14.27 -17.02 14.47
CA ALA A 188 -15.25 -16.90 15.55
C ALA A 188 -16.29 -15.81 15.28
N LEU A 189 -15.82 -14.60 14.92
CA LEU A 189 -16.75 -13.48 14.57
C LEU A 189 -17.75 -13.85 13.47
N ARG A 190 -17.26 -14.54 12.44
CA ARG A 190 -18.13 -14.95 11.32
C ARG A 190 -19.18 -15.98 11.70
N LYS A 191 -18.83 -16.89 12.59
CA LYS A 191 -19.79 -17.84 13.14
C LYS A 191 -20.80 -17.21 14.07
N ARG A 192 -20.35 -16.26 14.91
CA ARG A 192 -21.31 -15.56 15.80
C ARG A 192 -22.18 -14.56 15.08
N PHE A 193 -21.59 -13.89 14.09
CA PHE A 193 -22.26 -12.76 13.45
C PHE A 193 -22.18 -12.99 11.95
N PRO A 194 -23.06 -13.87 11.41
CA PRO A 194 -22.96 -14.23 9.99
C PRO A 194 -22.93 -13.03 9.05
N LYS A 195 -23.52 -11.89 9.40
CA LYS A 195 -23.59 -10.76 8.42
C LYS A 195 -22.50 -9.73 8.61
N ILE A 196 -21.55 -9.97 9.51
CA ILE A 196 -20.43 -9.01 9.74
C ILE A 196 -19.65 -8.79 8.42
N VAL A 197 -19.24 -7.55 8.21
CA VAL A 197 -18.52 -7.08 7.05
C VAL A 197 -17.08 -6.71 7.44
N GLY A 198 -16.10 -7.16 6.67
CA GLY A 198 -14.68 -6.77 6.94
C GLY A 198 -13.83 -6.72 5.68
N PRO A 199 -12.52 -6.56 5.85
CA PRO A 199 -11.54 -6.69 4.74
C PRO A 199 -11.58 -8.12 4.22
N ARG A 200 -11.05 -8.43 3.03
CA ARG A 200 -11.00 -9.82 2.59
C ARG A 200 -10.41 -10.73 3.66
N LYS A 201 -9.32 -10.29 4.30
CA LYS A 201 -8.61 -11.13 5.27
C LYS A 201 -8.50 -10.43 6.67
N ASP A 202 -7.67 -9.40 6.79
CA ASP A 202 -7.56 -8.65 8.02
C ASP A 202 -6.89 -7.31 7.66
N ASP A 203 -6.59 -6.51 8.66
CA ASP A 203 -5.81 -5.28 8.46
C ASP A 203 -4.36 -5.43 8.91
N ILE A 204 -3.91 -6.67 9.10
CA ILE A 204 -2.46 -6.89 9.41
C ILE A 204 -1.65 -6.44 8.23
N CYS A 205 -0.61 -5.63 8.48
CA CYS A 205 0.10 -5.00 7.33
C CYS A 205 1.10 -5.96 6.71
N TYR A 206 1.63 -5.57 5.59
CA TYR A 206 2.55 -6.40 4.80
C TYR A 206 3.78 -6.70 5.64
N ALA A 207 4.29 -5.73 6.43
CA ALA A 207 5.56 -5.89 7.12
C ALA A 207 5.36 -6.95 8.21
N THR A 208 4.20 -6.93 8.87
CA THR A 208 3.90 -7.89 9.96
C THR A 208 3.76 -9.30 9.39
N THR A 209 3.03 -9.45 8.32
CA THR A 209 2.88 -10.77 7.64
C THR A 209 4.22 -11.31 7.21
N ASN A 210 5.00 -10.44 6.59
CA ASN A 210 6.31 -10.84 6.06
C ASN A 210 7.30 -11.25 7.15
N ARG A 211 7.36 -10.52 8.25
CA ARG A 211 8.29 -10.89 9.35
C ARG A 211 7.90 -12.18 10.05
N GLN A 212 6.59 -12.40 10.18
CA GLN A 212 6.09 -13.68 10.69
C GLN A 212 6.43 -14.84 9.77
N GLU A 213 6.18 -14.66 8.49
CA GLU A 213 6.51 -15.71 7.53
C GLU A 213 8.04 -15.98 7.57
N ALA A 214 8.86 -14.93 7.67
CA ALA A 214 10.32 -15.08 7.68
C ALA A 214 10.81 -15.79 8.95
N VAL A 215 10.21 -15.50 10.09
CA VAL A 215 10.66 -16.13 11.31
C VAL A 215 10.21 -17.59 11.39
N ARG A 216 9.06 -17.93 10.78
CA ARG A 216 8.65 -19.32 10.64
C ARG A 216 9.72 -20.09 9.86
N ALA A 217 10.18 -19.53 8.75
CA ALA A 217 11.22 -20.23 7.94
C ALA A 217 12.54 -20.38 8.73
N LEU A 218 12.90 -19.33 9.46
CA LEU A 218 14.10 -19.31 10.29
C LEU A 218 14.03 -20.39 11.36
N ALA A 219 12.90 -20.45 12.06
CA ALA A 219 12.75 -21.35 13.19
C ALA A 219 12.70 -22.79 12.72
N GLU A 220 12.31 -23.01 11.47
CA GLU A 220 12.40 -24.35 10.88
C GLU A 220 13.88 -24.85 10.90
N GLN A 221 14.87 -23.98 10.66
CA GLN A 221 16.27 -24.38 10.58
C GLN A 221 17.07 -24.21 11.88
N ALA A 222 16.72 -23.20 12.68
CA ALA A 222 17.43 -22.83 13.89
C ALA A 222 16.89 -23.47 15.13
N GLU A 223 17.78 -23.81 16.05
CA GLU A 223 17.36 -24.37 17.36
C GLU A 223 16.97 -23.23 18.30
N VAL A 224 17.61 -22.08 18.16
CA VAL A 224 17.35 -20.95 19.06
C VAL A 224 17.14 -19.73 18.19
N VAL A 225 16.15 -18.90 18.51
CA VAL A 225 15.88 -17.69 17.72
C VAL A 225 16.01 -16.49 18.64
N LEU A 226 16.79 -15.49 18.24
CA LEU A 226 16.88 -14.25 19.00
C LEU A 226 16.16 -13.18 18.19
N VAL A 227 15.26 -12.45 18.84
CA VAL A 227 14.46 -11.47 18.15
C VAL A 227 14.90 -10.14 18.69
N VAL A 228 15.51 -9.28 17.83
CA VAL A 228 15.92 -7.95 18.31
C VAL A 228 14.69 -7.02 18.39
N GLY A 229 14.37 -6.53 19.59
CA GLY A 229 13.24 -5.62 19.72
C GLY A 229 13.02 -5.29 21.19
N SER A 230 12.43 -4.15 21.51
CA SER A 230 12.10 -3.81 22.89
C SER A 230 10.90 -4.55 23.45
N LYS A 231 10.82 -4.66 24.77
CA LYS A 231 9.71 -5.40 25.44
C LYS A 231 8.31 -4.91 25.10
N ASN A 232 8.15 -3.58 24.92
CA ASN A 232 6.86 -3.04 24.59
C ASN A 232 6.61 -2.95 23.10
N SER A 233 7.42 -3.62 22.26
CA SER A 233 7.08 -3.71 20.80
C SER A 233 6.21 -4.95 20.55
N SER A 234 4.89 -4.73 20.33
CA SER A 234 3.90 -5.76 20.08
C SER A 234 4.36 -6.65 18.93
N ASN A 235 4.73 -6.04 17.79
CA ASN A 235 5.05 -6.88 16.63
C ASN A 235 6.32 -7.75 16.89
N SER A 236 7.27 -7.21 17.61
CA SER A 236 8.50 -8.01 17.99
C SER A 236 8.14 -9.22 18.83
N ASN A 237 7.22 -9.03 19.78
CA ASN A 237 6.77 -10.10 20.66
C ASN A 237 6.09 -11.21 19.86
N ARG A 238 5.33 -10.86 18.82
CA ARG A 238 4.71 -11.91 17.99
C ARG A 238 5.73 -12.78 17.33
N LEU A 239 6.90 -12.24 17.00
CA LEU A 239 7.96 -13.01 16.27
C LEU A 239 8.52 -14.02 17.22
N ALA A 240 8.74 -13.57 18.43
CA ALA A 240 9.30 -14.49 19.46
C ALA A 240 8.31 -15.59 19.80
N GLU A 241 7.05 -15.19 19.98
CA GLU A 241 5.97 -16.13 20.31
C GLU A 241 5.82 -17.20 19.22
N LEU A 242 5.82 -16.78 17.96
CA LEU A 242 5.74 -17.68 16.83
C LEU A 242 6.83 -18.77 16.93
N ALA A 243 8.08 -18.36 17.17
CA ALA A 243 9.23 -19.29 17.22
C ALA A 243 9.06 -20.29 18.40
N GLN A 244 8.67 -19.75 19.55
CA GLN A 244 8.40 -20.53 20.78
C GLN A 244 7.31 -21.60 20.56
N ARG A 245 6.26 -21.27 19.83
CA ARG A 245 5.19 -22.19 19.57
C ARG A 245 5.59 -23.29 18.57
N MET A 246 6.64 -23.01 17.83
CA MET A 246 7.23 -24.07 17.04
C MET A 246 8.20 -24.95 17.84
N GLY A 247 8.34 -24.66 19.14
CA GLY A 247 9.11 -25.50 20.08
C GLY A 247 10.57 -25.07 20.14
N LYS A 248 10.90 -23.93 19.56
CA LYS A 248 12.27 -23.38 19.65
C LYS A 248 12.38 -22.49 20.88
N ARG A 249 13.56 -22.43 21.48
CA ARG A 249 13.82 -21.43 22.51
C ARG A 249 13.89 -20.11 21.77
N ALA A 250 13.20 -19.07 22.22
CA ALA A 250 13.30 -17.79 21.52
C ALA A 250 13.34 -16.72 22.56
N PHE A 251 14.17 -15.72 22.32
CA PHE A 251 14.37 -14.64 23.29
C PHE A 251 14.21 -13.28 22.60
N LEU A 252 13.46 -12.38 23.27
CA LEU A 252 13.33 -10.99 22.86
C LEU A 252 14.46 -10.20 23.54
N ILE A 253 15.36 -9.56 22.75
CA ILE A 253 16.50 -8.83 23.34
C ILE A 253 16.60 -7.42 22.73
N ASP A 254 16.94 -6.44 23.57
CA ASP A 254 17.10 -5.11 23.08
C ASP A 254 18.38 -4.95 22.38
N ASP A 255 19.38 -5.68 22.83
CA ASP A 255 20.72 -5.53 22.24
C ASP A 255 21.65 -6.70 22.64
N ALA A 256 22.89 -6.66 22.14
CA ALA A 256 23.80 -7.80 22.27
C ALA A 256 24.13 -8.11 23.75
N LYS A 257 24.05 -7.11 24.60
CA LYS A 257 24.37 -7.30 26.03
C LYS A 257 23.40 -8.20 26.76
N ASP A 258 22.20 -8.41 26.20
CA ASP A 258 21.17 -9.24 26.82
C ASP A 258 21.42 -10.73 26.57
N ILE A 259 22.30 -11.05 25.61
CA ILE A 259 22.52 -12.47 25.26
C ILE A 259 23.20 -13.17 26.45
N GLN A 260 22.63 -14.29 26.89
CA GLN A 260 23.22 -15.10 27.97
C GLN A 260 23.86 -16.30 27.28
N GLU A 261 25.15 -16.54 27.58
CA GLU A 261 25.94 -17.63 27.00
C GLU A 261 25.21 -19.00 27.02
N GLU A 262 24.54 -19.29 28.14
CA GLU A 262 23.83 -20.54 28.28
C GLU A 262 22.83 -20.75 27.13
N TRP A 263 22.28 -19.65 26.59
CA TRP A 263 21.24 -19.77 25.55
C TRP A 263 21.78 -20.39 24.35
N VAL A 264 23.06 -20.17 24.09
CA VAL A 264 23.63 -20.66 22.85
C VAL A 264 24.74 -21.72 23.01
N LYS A 265 24.97 -22.19 24.22
CA LYS A 265 25.96 -23.23 24.52
C LYS A 265 25.57 -24.52 23.81
N GLU A 266 26.48 -25.04 22.98
CA GLU A 266 26.28 -26.34 22.38
C GLU A 266 25.15 -26.31 21.35
N VAL A 267 24.77 -25.12 20.90
CA VAL A 267 23.77 -24.94 19.86
C VAL A 267 24.43 -24.96 18.48
N LYS A 268 23.92 -25.79 17.57
CA LYS A 268 24.53 -25.87 16.24
C LYS A 268 24.01 -24.80 15.28
N CYS A 269 22.78 -24.33 15.47
CA CYS A 269 22.22 -23.32 14.56
C CYS A 269 21.42 -22.28 15.32
N VAL A 270 21.83 -21.01 15.25
CA VAL A 270 21.08 -19.96 15.95
C VAL A 270 20.59 -18.96 14.91
N GLY A 271 19.33 -18.57 15.02
CA GLY A 271 18.73 -17.62 14.04
C GLY A 271 18.52 -16.26 14.71
N VAL A 272 18.63 -15.21 13.91
CA VAL A 272 18.46 -13.82 14.39
C VAL A 272 17.41 -13.15 13.50
N THR A 273 16.50 -12.44 14.13
CA THR A 273 15.60 -11.58 13.38
C THR A 273 15.44 -10.28 14.16
N ALA A 274 14.59 -9.37 13.65
CA ALA A 274 14.38 -8.08 14.28
C ALA A 274 12.97 -7.66 13.92
N GLY A 275 12.32 -7.06 14.92
CA GLY A 275 11.02 -6.45 14.80
C GLY A 275 11.06 -5.20 13.89
N ALA A 276 9.87 -4.66 13.60
CA ALA A 276 9.74 -3.60 12.54
C ALA A 276 10.34 -2.26 13.08
N SER A 277 10.61 -2.17 14.38
CA SER A 277 11.15 -0.90 14.92
C SER A 277 12.61 -0.98 15.37
N ALA A 278 13.28 -2.12 15.05
CA ALA A 278 14.68 -2.30 15.51
C ALA A 278 15.72 -1.98 14.42
N PRO A 279 16.65 -1.01 14.64
CA PRO A 279 17.67 -0.61 13.59
C PRO A 279 18.68 -1.71 13.29
N ASP A 280 19.14 -1.74 12.08
CA ASP A 280 20.06 -2.80 11.70
C ASP A 280 21.39 -2.80 12.50
N ILE A 281 21.86 -1.63 12.95
CA ILE A 281 23.08 -1.65 13.82
C ILE A 281 22.93 -2.62 15.03
N LEU A 282 21.73 -2.72 15.60
CA LEU A 282 21.52 -3.66 16.70
C LEU A 282 21.71 -5.12 16.31
N VAL A 283 21.20 -5.49 15.12
CA VAL A 283 21.34 -6.85 14.61
C VAL A 283 22.84 -7.07 14.35
N GLN A 284 23.54 -6.08 13.80
CA GLN A 284 24.98 -6.24 13.54
C GLN A 284 25.74 -6.52 14.83
N ASN A 285 25.42 -5.80 15.89
CA ASN A 285 26.10 -6.03 17.17
C ASN A 285 25.76 -7.42 17.80
N VAL A 286 24.56 -7.89 17.60
CA VAL A 286 24.16 -9.21 18.04
C VAL A 286 24.93 -10.27 17.27
N VAL A 287 25.05 -10.09 15.96
CA VAL A 287 25.84 -11.05 15.18
C VAL A 287 27.31 -11.02 15.68
N ALA A 288 27.87 -9.85 15.98
CA ALA A 288 29.26 -9.79 16.47
C ALA A 288 29.39 -10.54 17.80
N ARG A 289 28.38 -10.43 18.66
CA ARG A 289 28.43 -11.15 19.94
C ARG A 289 28.29 -12.67 19.73
N LEU A 290 27.41 -13.11 18.86
CA LEU A 290 27.31 -14.58 18.63
C LEU A 290 28.64 -15.18 18.02
N GLN A 291 29.36 -14.35 17.26
CA GLN A 291 30.61 -14.75 16.65
C GLN A 291 31.66 -14.88 17.77
N GLN A 292 31.56 -14.02 18.78
CA GLN A 292 32.37 -14.23 19.98
C GLN A 292 32.10 -15.52 20.75
N LEU A 293 30.86 -15.97 20.73
CA LEU A 293 30.48 -17.22 21.38
C LEU A 293 30.52 -18.35 20.38
N GLY A 294 31.18 -18.16 19.25
CA GLY A 294 31.55 -19.31 18.42
C GLY A 294 30.88 -19.46 17.08
N GLY A 295 30.07 -18.50 16.67
CA GLY A 295 29.40 -18.65 15.38
C GLY A 295 30.29 -18.17 14.26
N GLY A 296 30.00 -18.62 13.04
CA GLY A 296 30.76 -18.21 11.84
C GLY A 296 30.14 -17.03 11.13
N GLU A 297 30.35 -16.93 9.82
CA GLU A 297 29.74 -15.82 9.06
C GLU A 297 28.22 -15.90 9.15
N ALA A 298 27.54 -14.76 9.36
CA ALA A 298 26.07 -14.79 9.35
C ALA A 298 25.58 -15.10 7.93
N ILE A 299 24.66 -16.04 7.77
CA ILE A 299 24.10 -16.37 6.45
C ILE A 299 22.67 -15.82 6.38
N PRO A 300 22.40 -14.92 5.43
CA PRO A 300 21.03 -14.40 5.26
C PRO A 300 20.12 -15.41 4.52
N LEU A 301 18.92 -15.64 5.04
CA LEU A 301 18.00 -16.52 4.32
C LEU A 301 17.38 -15.76 3.15
N GLU A 302 16.94 -16.51 2.14
CA GLU A 302 16.25 -15.96 0.97
C GLU A 302 14.89 -15.49 1.49
N GLY A 303 14.32 -14.41 1.00
CA GLY A 303 13.01 -14.06 1.54
C GLY A 303 12.23 -13.21 0.60
N ARG A 304 10.96 -13.02 0.90
CA ARG A 304 10.08 -12.17 0.14
C ARG A 304 10.67 -10.74 0.02
N GLU A 305 10.67 -10.21 -1.19
CA GLU A 305 11.19 -8.88 -1.44
C GLU A 305 10.18 -7.88 -0.86
N GLU A 306 10.67 -6.81 -0.21
CA GLU A 306 9.81 -5.69 0.12
C GLU A 306 10.22 -4.47 -0.71
N ASN A 307 9.24 -3.76 -1.26
CA ASN A 307 9.59 -2.60 -2.13
C ASN A 307 8.83 -1.30 -1.74
N ILE A 308 8.07 -1.33 -0.65
CA ILE A 308 7.22 -0.14 -0.36
C ILE A 308 8.01 0.88 0.50
N VAL A 309 7.92 2.16 0.12
CA VAL A 309 8.52 3.29 0.85
C VAL A 309 7.39 4.31 1.07
N PHE A 310 7.33 4.88 2.26
CA PHE A 310 6.40 6.00 2.53
C PHE A 310 7.19 7.31 2.76
N GLU A 311 6.93 8.35 1.96
CA GLU A 311 7.82 9.57 1.99
C GLU A 311 7.38 10.46 3.14
N VAL A 312 8.28 11.29 3.69
CA VAL A 312 7.84 12.32 4.68
C VAL A 312 6.92 13.38 4.06
N PRO A 313 6.10 14.10 4.86
CA PRO A 313 5.33 15.21 4.28
C PRO A 313 6.27 16.18 3.58
N LYS A 314 5.80 16.80 2.50
CA LYS A 314 6.65 17.69 1.71
C LYS A 314 7.21 18.83 2.55
N GLU A 315 6.42 19.28 3.54
CA GLU A 315 6.82 20.26 4.57
C GLU A 315 8.11 19.91 5.33
N LEU A 316 8.42 18.62 5.43
CA LEU A 316 9.56 18.11 6.23
C LEU A 316 10.69 17.63 5.33
N ARG A 317 10.52 17.93 4.04
CA ARG A 317 11.57 18.35 3.09
C ARG A 317 11.68 17.39 1.92
N MET B 9 -6.70 34.83 -19.82
CA MET B 9 -6.94 33.34 -19.60
C MET B 9 -6.11 32.69 -18.47
N GLN B 10 -6.79 32.18 -17.43
CA GLN B 10 -6.12 31.63 -16.24
C GLN B 10 -5.91 30.10 -16.40
N ILE B 11 -4.71 29.63 -16.07
CA ILE B 11 -4.37 28.19 -16.20
C ILE B 11 -4.30 27.54 -14.79
N LEU B 12 -5.10 26.50 -14.57
CA LEU B 12 -5.10 25.77 -13.30
C LEU B 12 -4.55 24.33 -13.51
N LEU B 13 -3.74 23.86 -12.55
CA LEU B 13 -3.15 22.49 -12.54
C LEU B 13 -3.73 21.61 -11.44
N ALA B 14 -4.16 20.41 -11.82
CA ALA B 14 -4.79 19.54 -10.83
C ALA B 14 -3.65 18.91 -9.98
N ASN B 15 -3.98 18.63 -8.73
CA ASN B 15 -3.07 17.87 -7.83
C ASN B 15 -3.87 16.89 -7.00
N PRO B 16 -3.48 15.60 -7.02
CA PRO B 16 -2.39 15.02 -7.75
C PRO B 16 -2.70 14.86 -9.25
N ARG B 17 -1.65 14.70 -10.04
CA ARG B 17 -1.78 14.39 -11.47
C ARG B 17 -0.52 13.63 -11.86
N GLY B 18 -0.50 12.94 -13.00
CA GLY B 18 0.77 12.42 -13.52
C GLY B 18 1.15 11.11 -12.82
N PHE B 19 2.44 10.80 -12.83
CA PHE B 19 2.95 9.45 -12.52
C PHE B 19 2.50 9.02 -11.17
N CYS B 20 2.04 7.79 -11.10
CA CYS B 20 1.75 7.17 -9.84
C CYS B 20 2.97 6.34 -9.41
N ALA B 21 2.89 5.71 -8.24
CA ALA B 21 4.01 4.89 -7.79
C ALA B 21 4.31 3.65 -8.71
N GLY B 22 3.28 3.01 -9.25
CA GLY B 22 3.51 1.80 -10.05
C GLY B 22 4.17 2.17 -11.38
N VAL B 23 3.76 3.30 -11.95
CA VAL B 23 4.33 3.75 -13.23
C VAL B 23 5.77 4.19 -13.05
N ASP B 24 6.04 4.95 -12.01
CA ASP B 24 7.42 5.36 -11.73
C ASP B 24 8.35 4.15 -11.59
N ARG B 25 7.91 3.12 -10.87
CA ARG B 25 8.68 1.91 -10.75
C ARG B 25 8.86 1.14 -12.06
N ALA B 26 7.77 0.96 -12.84
CA ALA B 26 7.84 0.23 -14.12
C ALA B 26 8.78 0.88 -15.10
N ILE B 27 8.68 2.22 -15.23
CA ILE B 27 9.64 2.96 -16.12
C ILE B 27 11.07 2.80 -15.63
N SER B 28 11.26 2.94 -14.32
CA SER B 28 12.61 2.79 -13.83
C SER B 28 13.19 1.44 -14.12
N ILE B 29 12.33 0.41 -14.09
CA ILE B 29 12.76 -0.96 -14.34
C ILE B 29 13.30 -1.02 -15.74
N VAL B 30 12.57 -0.48 -16.72
CA VAL B 30 13.07 -0.54 -18.11
C VAL B 30 14.36 0.27 -18.26
N GLU B 31 14.37 1.54 -17.81
CA GLU B 31 15.55 2.41 -17.90
C GLU B 31 16.80 1.77 -17.26
N ASN B 32 16.66 1.28 -16.03
CA ASN B 32 17.77 0.64 -15.32
C ASN B 32 18.28 -0.60 -16.00
N ALA B 33 17.35 -1.45 -16.48
CA ALA B 33 17.79 -2.64 -17.23
C ALA B 33 18.58 -2.19 -18.48
N LEU B 34 18.16 -1.12 -19.13
CA LEU B 34 18.91 -0.61 -20.32
C LEU B 34 20.29 -0.12 -19.87
N ALA B 35 20.33 0.61 -18.76
CA ALA B 35 21.60 1.05 -18.15
C ALA B 35 22.55 -0.09 -17.72
N ILE B 36 22.05 -1.17 -17.12
CA ILE B 36 22.90 -2.17 -16.53
C ILE B 36 23.31 -3.17 -17.64
N TYR B 37 22.36 -3.54 -18.49
CA TYR B 37 22.60 -4.61 -19.48
C TYR B 37 22.80 -4.14 -20.90
N GLY B 38 22.46 -2.90 -21.20
CA GLY B 38 22.56 -2.42 -22.58
C GLY B 38 21.39 -2.82 -23.43
N ALA B 39 21.29 -2.18 -24.59
CA ALA B 39 20.24 -2.48 -25.53
C ALA B 39 20.63 -3.80 -26.27
N PRO B 40 19.65 -4.60 -26.70
CA PRO B 40 18.22 -4.46 -26.49
C PRO B 40 17.71 -5.03 -25.13
N ILE B 41 16.58 -4.51 -24.66
CA ILE B 41 15.81 -5.09 -23.57
C ILE B 41 14.44 -5.29 -24.17
N TYR B 42 13.85 -6.47 -24.00
CA TYR B 42 12.54 -6.73 -24.61
C TYR B 42 11.50 -6.41 -23.60
N VAL B 43 10.43 -5.72 -24.04
CA VAL B 43 9.30 -5.47 -23.12
C VAL B 43 8.03 -6.00 -23.76
N ARG B 44 7.32 -6.81 -23.01
CA ARG B 44 6.04 -7.39 -23.47
C ARG B 44 4.90 -6.36 -23.39
N HIS B 45 4.45 -5.85 -24.54
CA HIS B 45 3.49 -4.77 -24.67
C HIS B 45 4.04 -3.45 -24.14
N GLU B 46 3.32 -2.39 -24.39
CA GLU B 46 3.74 -1.07 -23.89
C GLU B 46 3.90 -1.12 -22.38
N VAL B 47 5.07 -0.71 -21.90
CA VAL B 47 5.32 -0.80 -20.48
C VAL B 47 4.23 -0.03 -19.66
N VAL B 48 3.84 1.17 -20.15
CA VAL B 48 2.68 1.92 -19.72
C VAL B 48 2.04 2.47 -21.02
N HIS B 49 0.76 2.81 -20.99
CA HIS B 49 0.06 3.35 -22.13
C HIS B 49 0.32 4.83 -22.31
N ASN B 50 1.57 5.17 -22.63
CA ASN B 50 1.89 6.54 -22.99
C ASN B 50 2.89 6.58 -24.20
N ARG B 51 2.48 7.25 -25.28
CA ARG B 51 3.21 7.24 -26.52
C ARG B 51 4.57 7.86 -26.30
N TYR B 52 4.63 8.95 -25.53
CA TYR B 52 5.90 9.67 -25.34
C TYR B 52 6.90 8.77 -24.54
N VAL B 53 6.42 8.11 -23.50
CA VAL B 53 7.27 7.19 -22.69
C VAL B 53 7.75 5.99 -23.53
N VAL B 54 6.81 5.40 -24.28
CA VAL B 54 7.16 4.23 -25.10
C VAL B 54 8.15 4.64 -26.22
N ASP B 55 7.89 5.75 -26.90
CA ASP B 55 8.79 6.17 -28.02
C ASP B 55 10.21 6.47 -27.51
N SER B 56 10.25 7.06 -26.32
CA SER B 56 11.47 7.44 -25.64
C SER B 56 12.33 6.23 -25.26
N LEU B 57 11.69 5.19 -24.76
CA LEU B 57 12.37 3.92 -24.38
C LEU B 57 12.83 3.16 -25.64
N ARG B 58 12.03 3.21 -26.71
CA ARG B 58 12.35 2.55 -27.96
C ARG B 58 13.59 3.26 -28.55
N GLU B 59 13.61 4.59 -28.48
CA GLU B 59 14.76 5.34 -28.98
C GLU B 59 16.07 5.02 -28.19
N ARG B 60 15.96 4.54 -26.94
CA ARG B 60 17.10 4.05 -26.12
C ARG B 60 17.35 2.55 -26.28
N GLY B 61 16.59 1.89 -27.15
CA GLY B 61 16.88 0.49 -27.43
C GLY B 61 15.97 -0.56 -26.77
N ALA B 62 14.89 -0.16 -26.08
CA ALA B 62 13.92 -1.16 -25.64
C ALA B 62 13.15 -1.65 -26.86
N ILE B 63 12.80 -2.92 -26.88
CA ILE B 63 12.07 -3.44 -28.01
C ILE B 63 10.72 -3.92 -27.50
N PHE B 64 9.65 -3.32 -27.99
CA PHE B 64 8.31 -3.72 -27.53
C PHE B 64 7.76 -4.82 -28.38
N ILE B 65 7.48 -5.98 -27.77
CA ILE B 65 6.96 -7.15 -28.54
C ILE B 65 5.57 -7.53 -28.11
N GLU B 66 4.88 -8.32 -28.93
CA GLU B 66 3.49 -8.61 -28.59
C GLU B 66 3.40 -10.00 -27.94
N GLN B 67 4.23 -10.94 -28.40
CA GLN B 67 4.30 -12.30 -27.84
C GLN B 67 5.72 -12.69 -27.43
N ILE B 68 5.82 -13.51 -26.38
CA ILE B 68 7.09 -13.95 -25.80
C ILE B 68 7.87 -14.75 -26.82
N SER B 69 7.16 -15.45 -27.70
CA SER B 69 7.86 -16.23 -28.72
C SER B 69 8.69 -15.36 -29.66
N GLU B 70 8.43 -14.03 -29.68
CA GLU B 70 9.21 -13.07 -30.50
C GLU B 70 10.55 -12.74 -29.84
N VAL B 71 10.77 -13.19 -28.61
CA VAL B 71 11.98 -12.77 -27.85
C VAL B 71 13.05 -13.87 -28.02
N PRO B 72 14.26 -13.53 -28.44
CA PRO B 72 15.30 -14.57 -28.60
C PRO B 72 15.81 -15.25 -27.27
N ASP B 73 16.34 -16.48 -27.30
CA ASP B 73 16.95 -17.01 -26.07
C ASP B 73 18.11 -16.12 -25.63
N GLY B 74 18.42 -16.16 -24.34
CA GLY B 74 19.50 -15.31 -23.79
C GLY B 74 19.07 -13.90 -23.42
N ALA B 75 17.85 -13.48 -23.77
CA ALA B 75 17.47 -12.05 -23.70
C ALA B 75 16.97 -11.62 -22.29
N ILE B 76 16.80 -10.30 -22.08
CA ILE B 76 16.11 -9.76 -20.89
C ILE B 76 14.71 -9.40 -21.31
N LEU B 77 13.72 -9.85 -20.54
CA LEU B 77 12.31 -9.56 -20.83
C LEU B 77 11.64 -8.90 -19.61
N ILE B 78 10.88 -7.83 -19.87
CA ILE B 78 10.20 -7.09 -18.82
C ILE B 78 8.69 -7.31 -19.04
N PHE B 79 7.92 -7.67 -17.99
CA PHE B 79 6.43 -7.59 -18.12
C PHE B 79 5.96 -6.17 -17.80
N SER B 80 4.89 -5.70 -18.46
CA SER B 80 4.40 -4.31 -18.31
C SER B 80 3.78 -4.06 -16.94
N ALA B 81 3.47 -2.78 -16.64
CA ALA B 81 2.91 -2.43 -15.35
C ALA B 81 1.50 -3.10 -15.18
N HIS B 82 0.80 -3.42 -16.29
CA HIS B 82 -0.62 -3.90 -16.29
C HIS B 82 -0.71 -5.31 -15.79
N GLY B 83 0.42 -6.03 -15.73
CA GLY B 83 0.41 -7.43 -15.29
C GLY B 83 0.19 -8.42 -16.43
N VAL B 84 0.31 -9.71 -16.12
CA VAL B 84 0.25 -10.80 -17.11
C VAL B 84 -0.43 -11.97 -16.51
N SER B 85 -0.99 -12.82 -17.37
CA SER B 85 -1.68 -14.01 -16.93
C SER B 85 -0.68 -15.03 -16.39
N GLN B 86 -1.19 -16.00 -15.64
CA GLN B 86 -0.31 -17.14 -15.28
C GLN B 86 0.28 -17.86 -16.49
N ALA B 87 -0.46 -17.97 -17.59
CA ALA B 87 0.02 -18.71 -18.77
C ALA B 87 1.24 -18.03 -19.37
N VAL B 88 1.20 -16.71 -19.47
CA VAL B 88 2.34 -15.90 -19.90
C VAL B 88 3.52 -16.02 -18.91
N ARG B 89 3.25 -15.97 -17.61
CA ARG B 89 4.30 -16.04 -16.64
C ARG B 89 5.05 -17.36 -16.75
N ASN B 90 4.27 -18.44 -16.89
CA ASN B 90 4.81 -19.80 -16.96
C ASN B 90 5.59 -20.05 -18.24
N GLU B 91 5.09 -19.49 -19.33
CA GLU B 91 5.78 -19.60 -20.59
C GLU B 91 7.18 -18.93 -20.51
N ALA B 92 7.26 -17.74 -19.92
CA ALA B 92 8.52 -17.05 -19.77
C ALA B 92 9.48 -17.85 -18.85
N LYS B 93 8.92 -18.45 -17.77
CA LYS B 93 9.72 -19.23 -16.80
C LYS B 93 10.32 -20.48 -17.45
N SER B 94 9.60 -21.05 -18.40
CA SER B 94 10.10 -22.25 -19.04
C SER B 94 11.09 -21.90 -20.16
N ARG B 95 11.21 -20.62 -20.52
CA ARG B 95 12.17 -20.19 -21.54
C ARG B 95 13.54 -19.79 -20.95
N ASP B 96 14.60 -19.88 -21.77
CA ASP B 96 15.93 -19.43 -21.43
C ASP B 96 16.02 -17.88 -21.50
N LEU B 97 15.40 -17.19 -20.52
CA LEU B 97 15.27 -15.73 -20.49
C LEU B 97 15.40 -15.24 -19.07
N THR B 98 15.95 -14.05 -18.90
CA THR B 98 15.90 -13.37 -17.60
C THR B 98 14.69 -12.43 -17.61
N VAL B 99 13.82 -12.64 -16.64
CA VAL B 99 12.59 -11.89 -16.59
C VAL B 99 12.58 -10.94 -15.41
N PHE B 100 12.20 -9.70 -15.67
CA PHE B 100 11.88 -8.75 -14.61
C PHE B 100 10.44 -8.37 -14.77
N ASP B 101 9.68 -8.45 -13.70
CA ASP B 101 8.25 -8.19 -13.72
C ASP B 101 7.97 -6.72 -13.29
N ALA B 102 7.55 -5.85 -14.19
CA ALA B 102 7.26 -4.49 -13.74
C ALA B 102 5.80 -4.31 -13.31
N THR B 103 5.05 -5.38 -13.11
CA THR B 103 3.62 -5.28 -12.79
C THR B 103 3.55 -4.46 -11.53
N CYS B 104 2.62 -3.52 -11.45
CA CYS B 104 2.51 -2.75 -10.20
C CYS B 104 2.16 -3.64 -9.01
N PRO B 105 2.78 -3.43 -7.84
CA PRO B 105 2.32 -4.22 -6.67
C PRO B 105 0.82 -4.21 -6.41
N LEU B 106 0.13 -3.13 -6.76
CA LEU B 106 -1.31 -3.03 -6.43
C LEU B 106 -2.13 -3.89 -7.38
N VAL B 107 -1.57 -4.16 -8.53
CA VAL B 107 -2.13 -5.14 -9.49
C VAL B 107 -1.84 -6.54 -9.03
N THR B 108 -0.59 -6.83 -8.67
CA THR B 108 -0.26 -8.14 -8.05
C THR B 108 -1.20 -8.48 -6.90
N LYS B 109 -1.51 -7.49 -6.09
CA LYS B 109 -2.41 -7.70 -5.01
C LYS B 109 -3.80 -8.24 -5.44
N VAL B 110 -4.38 -7.71 -6.52
CA VAL B 110 -5.65 -8.21 -7.01
C VAL B 110 -5.42 -9.63 -7.56
N HIS B 111 -4.30 -9.85 -8.24
CA HIS B 111 -3.96 -11.18 -8.86
C HIS B 111 -3.96 -12.26 -7.78
N MET B 112 -3.37 -11.95 -6.64
CA MET B 112 -3.31 -12.94 -5.55
C MET B 112 -4.69 -13.29 -5.07
N GLU B 113 -5.59 -12.31 -4.95
CA GLU B 113 -6.96 -12.61 -4.55
C GLU B 113 -7.71 -13.56 -5.52
N VAL B 114 -7.56 -13.32 -6.81
CA VAL B 114 -8.10 -14.21 -7.80
C VAL B 114 -7.49 -15.63 -7.71
N ALA B 115 -6.16 -15.74 -7.61
CA ALA B 115 -5.54 -17.09 -7.39
C ALA B 115 -6.06 -17.79 -6.11
N ARG B 116 -6.23 -17.04 -5.01
CA ARG B 116 -6.84 -17.60 -3.78
C ARG B 116 -8.25 -18.15 -4.06
N ALA B 117 -9.09 -17.36 -4.74
CA ALA B 117 -10.41 -17.87 -5.14
C ALA B 117 -10.33 -19.11 -6.07
N SER B 118 -9.42 -19.06 -7.04
CA SER B 118 -9.22 -20.18 -7.96
C SER B 118 -8.89 -21.45 -7.16
N ARG B 119 -7.96 -21.33 -6.20
CA ARG B 119 -7.57 -22.42 -5.27
C ARG B 119 -8.75 -23.05 -4.55
N ARG B 120 -9.66 -22.19 -4.06
CA ARG B 120 -10.88 -22.61 -3.35
C ARG B 120 -12.01 -23.12 -4.27
N GLY B 121 -11.78 -23.15 -5.59
CA GLY B 121 -12.81 -23.61 -6.55
C GLY B 121 -14.05 -22.71 -6.56
N GLU B 122 -13.88 -21.51 -6.02
CA GLU B 122 -14.95 -20.54 -5.86
C GLU B 122 -15.00 -19.53 -7.00
N GLU B 123 -16.22 -19.25 -7.46
CA GLU B 123 -16.44 -18.38 -8.62
C GLU B 123 -16.05 -16.92 -8.34
N SER B 124 -15.49 -16.25 -9.35
CA SER B 124 -15.12 -14.86 -9.16
C SER B 124 -15.67 -13.99 -10.27
N ILE B 125 -16.03 -12.77 -9.91
CA ILE B 125 -16.55 -11.80 -10.87
C ILE B 125 -15.54 -10.64 -10.84
N LEU B 126 -15.01 -10.26 -12.00
CA LEU B 126 -14.13 -9.12 -12.09
C LEU B 126 -14.93 -7.94 -12.68
N ILE B 127 -14.84 -6.74 -12.09
CA ILE B 127 -15.43 -5.56 -12.76
C ILE B 127 -14.33 -4.91 -13.55
N GLY B 128 -14.53 -4.74 -14.86
CA GLY B 128 -13.43 -4.23 -15.68
C GLY B 128 -13.84 -4.14 -17.15
N HIS B 129 -12.91 -3.69 -17.98
CA HIS B 129 -13.21 -3.38 -19.42
C HIS B 129 -12.64 -4.49 -20.27
N ALA B 130 -13.49 -5.18 -21.04
CA ALA B 130 -13.04 -6.32 -21.89
C ALA B 130 -11.89 -5.85 -22.80
N GLY B 131 -10.86 -6.68 -22.99
CA GLY B 131 -9.84 -6.33 -23.98
C GLY B 131 -8.64 -5.66 -23.35
N HIS B 132 -8.82 -5.03 -22.18
CA HIS B 132 -7.69 -4.32 -21.47
C HIS B 132 -6.63 -5.27 -20.99
N PRO B 133 -5.35 -4.92 -21.14
CA PRO B 133 -4.36 -5.89 -20.66
C PRO B 133 -4.40 -6.16 -19.15
N GLU B 134 -4.79 -5.20 -18.29
CA GLU B 134 -4.87 -5.57 -16.87
C GLU B 134 -5.97 -6.61 -16.67
N VAL B 135 -7.04 -6.47 -17.44
CA VAL B 135 -8.16 -7.45 -17.35
C VAL B 135 -7.75 -8.86 -17.81
N GLU B 136 -7.01 -8.94 -18.92
CA GLU B 136 -6.47 -10.22 -19.42
C GLU B 136 -5.56 -10.84 -18.38
N GLY B 137 -4.69 -10.06 -17.76
CA GLY B 137 -3.76 -10.64 -16.75
C GLY B 137 -4.47 -11.11 -15.48
N THR B 138 -5.46 -10.34 -15.04
CA THR B 138 -6.17 -10.66 -13.81
C THR B 138 -7.10 -11.86 -14.02
N MET B 139 -7.90 -11.85 -15.09
CA MET B 139 -8.73 -13.03 -15.45
C MET B 139 -7.82 -14.25 -15.62
N GLY B 140 -6.60 -14.02 -16.12
CA GLY B 140 -5.62 -15.09 -16.37
C GLY B 140 -4.98 -15.64 -15.10
N GLN B 141 -5.43 -15.19 -13.93
CA GLN B 141 -4.96 -15.80 -12.68
C GLN B 141 -5.92 -16.89 -12.26
N TYR B 142 -7.03 -17.04 -12.97
CA TYR B 142 -8.03 -18.05 -12.55
C TYR B 142 -7.96 -19.31 -13.42
N SER B 143 -7.73 -20.49 -12.83
CA SER B 143 -7.53 -21.69 -13.67
C SER B 143 -8.45 -22.89 -13.40
N ASN B 144 -9.17 -22.84 -12.29
CA ASN B 144 -10.01 -23.94 -11.87
C ASN B 144 -11.28 -24.13 -12.71
N PRO B 145 -11.34 -25.21 -13.53
CA PRO B 145 -12.61 -25.45 -14.25
C PRO B 145 -13.83 -25.71 -13.33
N GLU B 146 -13.61 -26.03 -12.05
CA GLU B 146 -14.69 -26.31 -11.08
C GLU B 146 -15.52 -25.09 -10.76
N GLY B 147 -14.85 -23.94 -10.72
CA GLY B 147 -15.50 -22.67 -10.45
C GLY B 147 -15.74 -21.91 -11.75
N GLY B 148 -15.40 -20.62 -11.76
CA GLY B 148 -15.52 -19.81 -12.96
C GLY B 148 -15.09 -18.37 -12.70
N MET B 149 -14.89 -17.61 -13.78
CA MET B 149 -14.37 -16.22 -13.72
C MET B 149 -15.14 -15.47 -14.76
N TYR B 150 -15.88 -14.47 -14.31
CA TYR B 150 -16.80 -13.74 -15.20
C TYR B 150 -16.40 -12.28 -15.22
N LEU B 151 -16.54 -11.60 -16.34
CA LEU B 151 -16.23 -10.19 -16.40
C LEU B 151 -17.55 -9.43 -16.51
N VAL B 152 -17.78 -8.40 -15.69
CA VAL B 152 -18.93 -7.49 -15.85
C VAL B 152 -18.39 -6.05 -16.02
N GLU B 153 -19.04 -5.24 -16.86
CA GLU B 153 -18.64 -3.85 -17.07
C GLU B 153 -19.69 -2.86 -16.57
N SER B 154 -20.92 -3.32 -16.37
CA SER B 154 -22.03 -2.42 -16.08
C SER B 154 -23.07 -3.08 -15.15
N PRO B 155 -24.02 -2.30 -14.58
CA PRO B 155 -25.09 -3.03 -13.88
C PRO B 155 -25.87 -4.00 -14.79
N ASP B 156 -26.13 -3.63 -16.04
CA ASP B 156 -26.85 -4.53 -16.98
C ASP B 156 -26.17 -5.89 -17.11
N ASP B 157 -24.83 -5.90 -17.21
CA ASP B 157 -24.05 -7.15 -17.26
C ASP B 157 -24.28 -7.98 -15.98
N VAL B 158 -24.38 -7.31 -14.84
CA VAL B 158 -24.68 -7.98 -13.58
C VAL B 158 -26.08 -8.61 -13.58
N TRP B 159 -27.07 -7.84 -14.09
CA TRP B 159 -28.47 -8.30 -14.19
C TRP B 159 -28.62 -9.50 -15.07
N LYS B 160 -27.72 -9.71 -16.02
CA LYS B 160 -27.91 -10.84 -16.90
C LYS B 160 -26.94 -12.00 -16.62
N LEU B 161 -26.04 -11.85 -15.65
CA LEU B 161 -25.06 -12.89 -15.35
C LEU B 161 -25.68 -14.12 -14.68
N THR B 162 -25.31 -15.30 -15.20
CA THR B 162 -25.53 -16.61 -14.54
C THR B 162 -24.26 -17.14 -13.89
N VAL B 163 -24.42 -17.62 -12.67
CA VAL B 163 -23.35 -18.13 -11.88
C VAL B 163 -23.79 -19.53 -11.44
N LYS B 164 -22.83 -20.46 -11.34
CA LYS B 164 -23.09 -21.86 -10.89
C LYS B 164 -23.37 -22.02 -9.42
N ASN B 165 -22.83 -21.13 -8.60
CA ASN B 165 -23.06 -21.20 -7.15
C ASN B 165 -22.94 -19.86 -6.45
N GLU B 166 -24.10 -19.23 -6.23
CA GLU B 166 -24.24 -17.87 -5.66
C GLU B 166 -23.84 -17.80 -4.20
N GLU B 167 -23.77 -18.96 -3.55
CA GLU B 167 -23.38 -19.04 -2.15
C GLU B 167 -21.88 -18.79 -1.94
N LYS B 168 -21.06 -19.10 -2.95
CA LYS B 168 -19.60 -18.99 -2.86
C LYS B 168 -19.06 -18.12 -4.00
N LEU B 169 -19.04 -16.83 -3.75
CA LEU B 169 -18.91 -15.88 -4.86
C LEU B 169 -18.08 -14.75 -4.30
N SER B 170 -17.11 -14.27 -5.07
CA SER B 170 -16.33 -13.12 -4.66
C SER B 170 -16.18 -12.17 -5.87
N PHE B 171 -15.89 -10.92 -5.62
CA PHE B 171 -15.65 -10.01 -6.73
C PHE B 171 -14.34 -9.25 -6.52
N MET B 172 -13.78 -8.75 -7.62
CA MET B 172 -12.51 -8.00 -7.63
C MET B 172 -12.74 -6.90 -8.67
N THR B 173 -11.86 -5.90 -8.70
CA THR B 173 -12.04 -4.88 -9.75
C THR B 173 -10.65 -4.55 -10.38
N GLN B 174 -10.70 -4.01 -11.61
CA GLN B 174 -9.57 -3.36 -12.26
C GLN B 174 -9.22 -2.11 -11.39
N THR B 175 -7.95 -1.73 -11.40
CA THR B 175 -7.42 -0.69 -10.50
C THR B 175 -7.70 0.77 -10.98
N THR B 176 -8.16 0.96 -12.23
CA THR B 176 -8.11 2.31 -12.82
C THR B 176 -9.50 2.78 -13.27
N LEU B 177 -10.54 2.13 -12.72
CA LEU B 177 -11.92 2.39 -13.13
C LEU B 177 -12.47 3.71 -12.58
N SER B 178 -13.52 4.26 -13.19
CA SER B 178 -14.31 5.32 -12.58
C SER B 178 -14.80 4.86 -11.17
N VAL B 179 -14.47 5.65 -10.18
CA VAL B 179 -14.89 5.32 -8.84
C VAL B 179 -16.45 5.31 -8.76
N ASP B 180 -17.08 6.33 -9.34
CA ASP B 180 -18.55 6.43 -9.40
C ASP B 180 -19.27 5.30 -10.11
N ASP B 181 -18.83 4.93 -11.33
CA ASP B 181 -19.47 3.83 -12.06
C ASP B 181 -19.28 2.46 -11.40
N THR B 182 -18.12 2.26 -10.79
CA THR B 182 -17.85 1.01 -10.16
C THR B 182 -18.75 0.83 -8.93
N SER B 183 -18.99 1.93 -8.22
CA SER B 183 -19.92 1.98 -7.11
C SER B 183 -21.33 1.46 -7.54
N ASP B 184 -21.83 1.94 -8.68
CA ASP B 184 -23.10 1.40 -9.27
C ASP B 184 -23.08 -0.11 -9.56
N VAL B 185 -21.95 -0.63 -10.03
CA VAL B 185 -21.84 -2.06 -10.45
C VAL B 185 -21.82 -2.90 -9.17
N ILE B 186 -21.09 -2.40 -8.18
CA ILE B 186 -21.04 -3.14 -6.91
C ILE B 186 -22.43 -3.11 -6.19
N ASP B 187 -23.16 -2.00 -6.27
CA ASP B 187 -24.56 -1.99 -5.72
C ASP B 187 -25.39 -3.04 -6.40
N ALA B 188 -25.26 -3.18 -7.70
CA ALA B 188 -25.97 -4.16 -8.46
C ALA B 188 -25.59 -5.57 -8.02
N LEU B 189 -24.30 -5.84 -7.81
CA LEU B 189 -23.80 -7.17 -7.44
C LEU B 189 -24.32 -7.58 -6.08
N ARG B 190 -24.30 -6.64 -5.14
CA ARG B 190 -24.80 -6.98 -3.79
C ARG B 190 -26.33 -7.16 -3.74
N LYS B 191 -27.07 -6.52 -4.62
CA LYS B 191 -28.51 -6.80 -4.72
C LYS B 191 -28.82 -8.08 -5.44
N ARG B 192 -28.00 -8.43 -6.42
CA ARG B 192 -28.27 -9.64 -7.17
C ARG B 192 -27.74 -10.85 -6.47
N PHE B 193 -26.63 -10.67 -5.74
CA PHE B 193 -25.91 -11.79 -5.10
C PHE B 193 -25.61 -11.44 -3.67
N PRO B 194 -26.62 -11.51 -2.76
CA PRO B 194 -26.43 -10.98 -1.40
C PRO B 194 -25.27 -11.61 -0.65
N LYS B 195 -24.84 -12.83 -0.99
CA LYS B 195 -23.75 -13.48 -0.23
C LYS B 195 -22.37 -13.17 -0.82
N ILE B 196 -22.28 -12.38 -1.89
CA ILE B 196 -20.98 -12.10 -2.53
C ILE B 196 -20.03 -11.44 -1.58
N VAL B 197 -18.78 -11.84 -1.65
CA VAL B 197 -17.75 -11.22 -0.80
C VAL B 197 -16.74 -10.42 -1.62
N GLY B 198 -16.31 -9.30 -1.09
CA GLY B 198 -15.34 -8.48 -1.83
C GLY B 198 -14.48 -7.71 -0.84
N PRO B 199 -13.70 -6.73 -1.35
CA PRO B 199 -12.94 -5.85 -0.43
C PRO B 199 -13.93 -4.90 0.24
N ARG B 200 -13.51 -4.09 1.21
CA ARG B 200 -14.44 -3.15 1.83
C ARG B 200 -15.19 -2.24 0.81
N LYS B 201 -14.48 -1.74 -0.20
CA LYS B 201 -15.11 -0.89 -1.21
C LYS B 201 -14.81 -1.47 -2.63
N ASP B 202 -13.59 -1.32 -3.15
CA ASP B 202 -13.27 -1.87 -4.44
C ASP B 202 -11.75 -2.06 -4.49
N ASP B 203 -11.21 -2.47 -5.64
CA ASP B 203 -9.76 -2.58 -5.77
C ASP B 203 -9.20 -1.40 -6.55
N ILE B 204 -9.99 -0.35 -6.74
CA ILE B 204 -9.43 0.90 -7.40
C ILE B 204 -8.31 1.46 -6.52
N CYS B 205 -7.15 1.77 -7.12
CA CYS B 205 -6.01 2.14 -6.34
C CYS B 205 -6.07 3.61 -5.89
N TYR B 206 -5.17 3.95 -4.97
CA TYR B 206 -5.12 5.30 -4.36
C TYR B 206 -4.91 6.33 -5.46
N ALA B 207 -4.12 5.99 -6.47
CA ALA B 207 -3.76 6.99 -7.45
C ALA B 207 -4.94 7.31 -8.35
N THR B 208 -5.72 6.32 -8.69
CA THR B 208 -6.90 6.50 -9.55
C THR B 208 -7.92 7.31 -8.75
N THR B 209 -8.11 6.96 -7.50
CA THR B 209 -9.08 7.69 -6.65
C THR B 209 -8.70 9.15 -6.54
N ASN B 210 -7.43 9.37 -6.27
CA ASN B 210 -6.95 10.77 -6.00
C ASN B 210 -7.00 11.58 -7.27
N ARG B 211 -6.67 11.01 -8.41
CA ARG B 211 -6.71 11.79 -9.65
C ARG B 211 -8.14 12.15 -10.07
N GLN B 212 -9.07 11.25 -9.84
CA GLN B 212 -10.46 11.56 -10.14
C GLN B 212 -10.95 12.65 -9.14
N GLU B 213 -10.61 12.51 -7.88
CA GLU B 213 -10.98 13.55 -6.95
C GLU B 213 -10.33 14.92 -7.32
N ALA B 214 -9.05 14.93 -7.71
CA ALA B 214 -8.44 16.16 -8.18
C ALA B 214 -9.10 16.74 -9.46
N VAL B 215 -9.49 15.90 -10.42
CA VAL B 215 -10.12 16.44 -11.60
C VAL B 215 -11.54 16.97 -11.29
N ARG B 216 -12.26 16.35 -10.35
CA ARG B 216 -13.49 16.94 -9.85
C ARG B 216 -13.29 18.37 -9.30
N ALA B 217 -12.26 18.56 -8.49
CA ALA B 217 -12.00 19.90 -7.97
C ALA B 217 -11.62 20.88 -9.09
N LEU B 218 -10.82 20.40 -10.06
CA LEU B 218 -10.37 21.22 -11.18
C LEU B 218 -11.57 21.64 -12.05
N ALA B 219 -12.46 20.72 -12.33
CA ALA B 219 -13.61 21.00 -13.22
C ALA B 219 -14.60 22.00 -12.63
N GLU B 220 -14.76 21.99 -11.30
CA GLU B 220 -15.54 23.01 -10.62
C GLU B 220 -15.10 24.40 -11.04
N GLN B 221 -13.82 24.60 -11.26
CA GLN B 221 -13.34 25.93 -11.54
C GLN B 221 -13.04 26.23 -13.01
N ALA B 222 -12.68 25.22 -13.78
CA ALA B 222 -12.24 25.42 -15.17
C ALA B 222 -13.39 25.25 -16.12
N GLU B 223 -13.38 25.99 -17.24
CA GLU B 223 -14.40 25.79 -18.32
C GLU B 223 -13.96 24.70 -19.28
N VAL B 224 -12.64 24.57 -19.48
CA VAL B 224 -12.09 23.57 -20.39
C VAL B 224 -11.06 22.77 -19.58
N VAL B 225 -11.01 21.44 -19.74
CA VAL B 225 -10.07 20.58 -19.04
C VAL B 225 -9.30 19.81 -20.11
N LEU B 226 -7.99 19.94 -20.07
CA LEU B 226 -7.09 19.16 -20.92
C LEU B 226 -6.51 18.08 -20.05
N VAL B 227 -6.59 16.84 -20.52
CA VAL B 227 -6.02 15.72 -19.79
C VAL B 227 -4.89 15.16 -20.62
N VAL B 228 -3.69 15.18 -20.10
CA VAL B 228 -2.53 14.64 -20.83
C VAL B 228 -2.53 13.13 -20.66
N GLY B 229 -2.61 12.41 -21.78
CA GLY B 229 -2.50 10.95 -21.78
C GLY B 229 -2.81 10.45 -23.17
N SER B 230 -2.47 9.21 -23.43
CA SER B 230 -2.71 8.56 -24.71
C SER B 230 -4.13 8.00 -24.84
N LYS B 231 -4.60 7.81 -26.06
CA LYS B 231 -5.96 7.26 -26.24
C LYS B 231 -6.19 5.87 -25.61
N ASN B 232 -5.16 5.05 -25.45
CA ASN B 232 -5.31 3.67 -24.93
C ASN B 232 -4.99 3.62 -23.41
N SER B 233 -4.90 4.78 -22.77
CA SER B 233 -4.74 4.81 -21.30
C SER B 233 -6.12 4.86 -20.64
N SER B 234 -6.56 3.73 -20.02
CA SER B 234 -7.88 3.63 -19.46
C SER B 234 -8.05 4.74 -18.37
N ASN B 235 -7.05 4.89 -17.49
CA ASN B 235 -7.23 5.79 -16.34
C ASN B 235 -7.29 7.27 -16.82
N SER B 236 -6.57 7.59 -17.90
CA SER B 236 -6.60 8.94 -18.50
C SER B 236 -7.95 9.20 -19.09
N ASN B 237 -8.54 8.20 -19.75
CA ASN B 237 -9.86 8.36 -20.33
C ASN B 237 -10.87 8.61 -19.22
N ARG B 238 -10.73 7.95 -18.08
CA ARG B 238 -11.70 8.21 -16.98
C ARG B 238 -11.66 9.65 -16.52
N LEU B 239 -10.48 10.27 -16.51
CA LEU B 239 -10.36 11.68 -16.05
C LEU B 239 -11.08 12.63 -17.02
N ALA B 240 -10.89 12.40 -18.32
CA ALA B 240 -11.55 13.22 -19.36
C ALA B 240 -13.07 13.04 -19.29
N GLU B 241 -13.53 11.78 -19.08
CA GLU B 241 -14.99 11.55 -18.99
C GLU B 241 -15.58 12.23 -17.78
N LEU B 242 -14.91 12.19 -16.63
CA LEU B 242 -15.42 12.76 -15.44
C LEU B 242 -15.64 14.27 -15.68
N ALA B 243 -14.62 14.96 -16.23
CA ALA B 243 -14.73 16.41 -16.52
C ALA B 243 -15.94 16.73 -17.42
N GLN B 244 -16.09 15.91 -18.45
CA GLN B 244 -17.17 16.05 -19.41
C GLN B 244 -18.54 15.79 -18.77
N ARG B 245 -18.64 14.74 -17.93
CA ARG B 245 -19.87 14.47 -17.17
C ARG B 245 -20.26 15.62 -16.24
N MET B 246 -19.26 16.39 -15.77
CA MET B 246 -19.55 17.62 -15.00
C MET B 246 -19.93 18.82 -15.85
N GLY B 247 -19.98 18.63 -17.16
CA GLY B 247 -20.49 19.65 -18.07
C GLY B 247 -19.41 20.57 -18.62
N LYS B 248 -18.13 20.25 -18.40
CA LYS B 248 -17.03 21.08 -18.92
C LYS B 248 -16.54 20.50 -20.25
N ARG B 249 -15.82 21.27 -21.07
CA ARG B 249 -15.32 20.73 -22.34
C ARG B 249 -14.00 20.07 -22.01
N ALA B 250 -13.82 18.80 -22.34
CA ALA B 250 -12.62 18.06 -21.87
C ALA B 250 -12.01 17.43 -23.09
N PHE B 251 -10.67 17.41 -23.15
CA PHE B 251 -9.94 16.87 -24.29
C PHE B 251 -8.80 16.01 -23.79
N LEU B 252 -8.65 14.80 -24.33
CA LEU B 252 -7.54 13.97 -23.96
C LEU B 252 -6.49 14.26 -25.01
N ILE B 253 -5.30 14.74 -24.63
CA ILE B 253 -4.25 15.02 -25.63
C ILE B 253 -2.95 14.32 -25.28
N ASP B 254 -2.23 13.88 -26.30
CA ASP B 254 -0.95 13.29 -26.01
C ASP B 254 0.09 14.30 -25.64
N ASP B 255 0.02 15.48 -26.24
CA ASP B 255 1.02 16.52 -25.97
C ASP B 255 0.54 17.90 -26.46
N ALA B 256 1.36 18.91 -26.23
CA ALA B 256 1.03 20.31 -26.56
C ALA B 256 0.67 20.47 -28.02
N LYS B 257 1.24 19.65 -28.91
CA LYS B 257 1.01 19.82 -30.37
C LYS B 257 -0.41 19.46 -30.76
N ASP B 258 -1.12 18.72 -29.92
CA ASP B 258 -2.54 18.37 -30.19
C ASP B 258 -3.56 19.48 -29.92
N ILE B 259 -3.19 20.45 -29.09
CA ILE B 259 -4.08 21.51 -28.67
C ILE B 259 -4.48 22.35 -29.89
N GLN B 260 -5.78 22.61 -30.06
CA GLN B 260 -6.30 23.42 -31.16
C GLN B 260 -6.65 24.78 -30.62
N GLU B 261 -6.28 25.87 -31.30
CA GLU B 261 -6.71 27.22 -30.81
C GLU B 261 -8.23 27.36 -30.58
N GLU B 262 -9.05 26.81 -31.49
CA GLU B 262 -10.54 26.85 -31.32
C GLU B 262 -10.97 26.36 -29.91
N TRP B 263 -10.23 25.42 -29.32
CA TRP B 263 -10.58 24.87 -27.99
C TRP B 263 -10.54 25.87 -26.87
N VAL B 264 -9.62 26.82 -26.98
CA VAL B 264 -9.33 27.76 -25.87
C VAL B 264 -9.60 29.22 -26.23
N LYS B 265 -10.09 29.46 -27.44
CA LYS B 265 -10.49 30.82 -27.87
C LYS B 265 -11.56 31.42 -26.95
N GLU B 266 -11.18 32.50 -26.25
CA GLU B 266 -12.06 33.27 -25.37
C GLU B 266 -12.58 32.47 -24.18
N VAL B 267 -11.78 31.52 -23.73
CA VAL B 267 -12.01 30.82 -22.47
C VAL B 267 -11.29 31.57 -21.32
N LYS B 268 -11.99 31.83 -20.21
CA LYS B 268 -11.35 32.51 -19.07
C LYS B 268 -10.55 31.59 -18.14
N CYS B 269 -10.83 30.29 -18.18
CA CYS B 269 -10.17 29.35 -17.28
C CYS B 269 -10.01 27.96 -17.88
N VAL B 270 -8.77 27.53 -18.07
CA VAL B 270 -8.47 26.19 -18.59
C VAL B 270 -7.73 25.41 -17.49
N GLY B 271 -8.11 24.15 -17.29
CA GLY B 271 -7.46 23.29 -16.31
C GLY B 271 -6.67 22.26 -17.07
N VAL B 272 -5.57 21.83 -16.52
CA VAL B 272 -4.74 20.77 -17.11
C VAL B 272 -4.56 19.68 -16.01
N THR B 273 -4.73 18.44 -16.37
CA THR B 273 -4.27 17.37 -15.47
C THR B 273 -3.57 16.31 -16.37
N ALA B 274 -3.20 15.17 -15.79
CA ALA B 274 -2.39 14.17 -16.43
C ALA B 274 -2.75 12.82 -15.83
N GLY B 275 -2.91 11.81 -16.72
CA GLY B 275 -3.18 10.42 -16.31
C GLY B 275 -1.89 9.89 -15.64
N ALA B 276 -2.00 8.71 -15.05
CA ALA B 276 -0.97 8.15 -14.21
C ALA B 276 0.27 7.80 -15.03
N SER B 277 0.16 7.72 -16.34
CA SER B 277 1.26 7.28 -17.15
C SER B 277 1.91 8.44 -17.94
N ALA B 278 1.57 9.71 -17.64
CA ALA B 278 2.08 10.83 -18.44
C ALA B 278 3.16 11.61 -17.66
N PRO B 279 4.38 11.78 -18.20
CA PRO B 279 5.49 12.45 -17.51
C PRO B 279 5.22 13.93 -17.37
N ASP B 280 5.77 14.50 -16.33
CA ASP B 280 5.52 15.92 -16.04
C ASP B 280 6.01 16.87 -17.14
N ILE B 281 7.07 16.52 -17.84
CA ILE B 281 7.55 17.42 -18.91
C ILE B 281 6.41 17.71 -19.97
N LEU B 282 5.52 16.75 -20.19
CA LEU B 282 4.41 16.97 -21.17
C LEU B 282 3.44 18.01 -20.65
N VAL B 283 3.17 17.97 -19.36
CA VAL B 283 2.36 19.00 -18.71
C VAL B 283 3.06 20.37 -18.79
N GLN B 284 4.34 20.47 -18.43
CA GLN B 284 5.11 21.73 -18.61
C GLN B 284 5.00 22.28 -20.03
N ASN B 285 5.18 21.42 -21.04
CA ASN B 285 4.98 21.84 -22.46
C ASN B 285 3.54 22.27 -22.84
N VAL B 286 2.55 21.61 -22.29
CA VAL B 286 1.15 22.02 -22.52
C VAL B 286 0.94 23.39 -21.91
N VAL B 287 1.48 23.59 -20.72
CA VAL B 287 1.31 24.92 -20.09
C VAL B 287 1.98 26.00 -21.00
N ALA B 288 3.17 25.71 -21.48
CA ALA B 288 3.87 26.69 -22.37
C ALA B 288 3.06 26.99 -23.59
N ARG B 289 2.50 25.95 -24.18
CA ARG B 289 1.69 26.15 -25.38
C ARG B 289 0.48 27.02 -25.03
N LEU B 290 -0.15 26.77 -23.88
CA LEU B 290 -1.31 27.61 -23.46
C LEU B 290 -0.91 29.04 -23.17
N GLN B 291 0.33 29.23 -22.76
CA GLN B 291 0.80 30.58 -22.63
C GLN B 291 0.95 31.27 -24.01
N GLN B 292 1.45 30.54 -25.03
CA GLN B 292 1.47 31.01 -26.43
C GLN B 292 0.08 31.45 -26.91
N LEU B 293 -0.94 30.84 -26.36
CA LEU B 293 -2.31 31.05 -26.77
C LEU B 293 -3.03 31.98 -25.80
N GLY B 294 -2.31 32.62 -24.88
CA GLY B 294 -2.93 33.64 -24.06
C GLY B 294 -2.96 33.41 -22.56
N GLY B 295 -2.53 32.25 -22.11
CA GLY B 295 -2.62 31.95 -20.67
C GLY B 295 -1.63 32.72 -19.81
N GLY B 296 -2.03 33.01 -18.57
CA GLY B 296 -1.11 33.59 -17.59
C GLY B 296 -0.23 32.52 -16.94
N GLU B 297 0.22 32.78 -15.73
CA GLU B 297 1.13 31.87 -15.04
C GLU B 297 0.31 30.71 -14.45
N ALA B 298 0.77 29.47 -14.61
CA ALA B 298 0.00 28.30 -14.12
C ALA B 298 -0.14 28.32 -12.57
N ILE B 299 -1.35 28.08 -12.07
CA ILE B 299 -1.61 28.00 -10.62
C ILE B 299 -1.94 26.55 -10.18
N PRO B 300 -1.10 25.95 -9.33
CA PRO B 300 -1.41 24.58 -8.87
C PRO B 300 -2.52 24.56 -7.84
N LEU B 301 -3.51 23.68 -7.98
CA LEU B 301 -4.54 23.60 -6.94
C LEU B 301 -3.99 22.85 -5.73
N GLU B 302 -4.58 23.06 -4.54
CA GLU B 302 -4.13 22.39 -3.35
C GLU B 302 -4.72 20.98 -3.47
N GLY B 303 -4.04 19.96 -3.01
CA GLY B 303 -4.62 18.63 -3.18
C GLY B 303 -4.09 17.67 -2.16
N ARG B 304 -4.60 16.45 -2.21
CA ARG B 304 -4.27 15.41 -1.26
C ARG B 304 -2.85 14.98 -1.53
N GLU B 305 -2.08 14.84 -0.48
CA GLU B 305 -0.68 14.47 -0.58
C GLU B 305 -0.58 12.95 -0.87
N GLU B 306 0.35 12.56 -1.73
CA GLU B 306 0.68 11.12 -1.97
C GLU B 306 2.07 10.89 -1.38
N ASN B 307 2.25 9.78 -0.70
CA ASN B 307 3.59 9.51 -0.15
C ASN B 307 4.10 8.13 -0.48
N ILE B 308 3.39 7.38 -1.33
CA ILE B 308 3.75 6.04 -1.63
C ILE B 308 4.80 5.91 -2.74
N VAL B 309 5.81 5.11 -2.51
CA VAL B 309 6.89 4.84 -3.51
C VAL B 309 7.06 3.32 -3.54
N PHE B 310 7.17 2.75 -4.76
CA PHE B 310 7.53 1.33 -4.89
C PHE B 310 8.94 1.21 -5.54
N GLU B 311 9.86 0.55 -4.86
CA GLU B 311 11.25 0.54 -5.33
C GLU B 311 11.42 -0.55 -6.43
N VAL B 312 12.45 -0.38 -7.25
CA VAL B 312 12.79 -1.38 -8.27
C VAL B 312 13.39 -2.58 -7.56
N PRO B 313 13.35 -3.77 -8.19
CA PRO B 313 13.97 -4.93 -7.58
C PRO B 313 15.47 -4.66 -7.32
N LYS B 314 16.03 -5.27 -6.26
CA LYS B 314 17.39 -4.92 -5.82
C LYS B 314 18.37 -5.15 -6.98
N GLU B 315 18.12 -6.21 -7.77
CA GLU B 315 19.01 -6.55 -8.89
C GLU B 315 19.09 -5.43 -9.93
N LEU B 316 18.13 -4.48 -9.92
CA LEU B 316 18.08 -3.37 -10.91
C LEU B 316 18.46 -1.97 -10.37
N ARG B 317 18.99 -1.90 -9.16
CA ARG B 317 19.32 -0.55 -8.72
C ARG B 317 20.57 -0.03 -9.43
N VAL B 318 20.64 1.28 -9.58
CA VAL B 318 21.74 1.99 -10.22
C VAL B 318 22.44 2.82 -9.11
#